data_3CXR
#
_entry.id   3CXR
#
_cell.length_a   71.147
_cell.length_b   75.378
_cell.length_c   97.674
_cell.angle_alpha   90.00
_cell.angle_beta   90.00
_cell.angle_gamma   90.00
#
_symmetry.space_group_name_H-M   'I 2 2 2'
#
loop_
_entity.id
_entity.type
_entity.pdbx_description
1 polymer 'Dehydrogenase with different specificities'
2 water water
#
_entity_poly.entity_id   1
_entity_poly.type   'polypeptide(L)'
_entity_poly.pdbx_seq_one_letter_code
;MGSSHHHHHHSSGLVPRGSHMNQQFSLDQFSLKGKIALVTGASYGIGFAIASAYAKAGATIVFNDINQELVDRGMAAYKA
AGINAHGYVCDVTDEDGIQAMVAQIESEVGIIDILVNNAGIIRRVPMIEMTAAQFRQVIDIDLNAPFIVSKAVIPSMIKK
GHGKIINICSMMSELGRETVSAYAAAKGGLKMLTKNIASEYGEANIQCNGIGPGYIATPQTAPLRELQKDGSRHPFDQFI
IAKTPAARWGEAEDLMGPAVFLASDASNFVNGHILYVDGGILAYIGKQPEA
;
_entity_poly.pdbx_strand_id   A
#
# COMPACT_ATOMS: atom_id res chain seq x y z
N GLN A 24 15.95 22.02 -16.02
CA GLN A 24 14.57 22.56 -15.94
C GLN A 24 13.62 21.49 -15.41
N PHE A 25 12.81 21.88 -14.44
CA PHE A 25 11.75 21.02 -13.96
C PHE A 25 10.81 20.71 -15.11
N SER A 26 10.24 19.50 -15.08
CA SER A 26 9.21 19.13 -16.01
C SER A 26 8.19 18.29 -15.28
N LEU A 27 6.92 18.44 -15.67
CA LEU A 27 5.85 17.58 -15.16
C LEU A 27 6.06 16.10 -15.48
N ASP A 28 6.90 15.82 -16.50
CA ASP A 28 7.35 14.46 -16.82
C ASP A 28 7.96 13.73 -15.61
N GLN A 29 8.42 14.48 -14.61
CA GLN A 29 8.97 13.88 -13.39
C GLN A 29 7.95 13.01 -12.66
N PHE A 30 6.66 13.33 -12.80
CA PHE A 30 5.55 12.55 -12.19
C PHE A 30 5.15 11.33 -13.01
N SER A 31 5.62 11.28 -14.27
CA SER A 31 5.28 10.16 -15.16
C SER A 31 5.96 8.84 -14.79
N LEU A 32 5.19 7.74 -14.87
CA LEU A 32 5.74 6.39 -14.65
C LEU A 32 5.96 5.64 -15.97
N LYS A 33 6.02 6.37 -17.08
CA LYS A 33 6.15 5.73 -18.38
C LYS A 33 7.41 4.86 -18.41
N GLY A 34 7.25 3.62 -18.90
CA GLY A 34 8.38 2.71 -19.07
C GLY A 34 8.87 2.03 -17.80
N LYS A 35 8.11 2.21 -16.72
CA LYS A 35 8.40 1.56 -15.44
C LYS A 35 7.41 0.43 -15.16
N ILE A 36 7.88 -0.57 -14.41
CA ILE A 36 7.03 -1.69 -13.98
C ILE A 36 6.74 -1.60 -12.48
N ALA A 37 5.45 -1.67 -12.12
CA ALA A 37 5.03 -1.66 -10.72
C ALA A 37 4.35 -2.95 -10.31
N LEU A 38 4.80 -3.50 -9.19
CA LEU A 38 4.16 -4.62 -8.54
C LEU A 38 3.37 -4.04 -7.36
N VAL A 39 2.05 -4.25 -7.38
CA VAL A 39 1.18 -3.85 -6.25
C VAL A 39 0.60 -5.15 -5.67
N THR A 40 1.00 -5.47 -4.44
CA THR A 40 0.59 -6.71 -3.80
C THR A 40 -0.89 -6.65 -3.40
N GLY A 41 -1.58 -7.77 -3.60
CA GLY A 41 -3.01 -7.90 -3.26
C GLY A 41 -3.91 -6.90 -3.97
N ALA A 42 -3.53 -6.47 -5.17
CA ALA A 42 -4.25 -5.39 -5.85
C ALA A 42 -5.41 -5.89 -6.75
N SER A 43 -6.13 -6.91 -6.30
CA SER A 43 -7.32 -7.42 -7.03
C SER A 43 -8.57 -6.50 -6.94
N TYR A 44 -8.66 -5.72 -5.86
CA TYR A 44 -9.75 -4.75 -5.60
C TYR A 44 -9.29 -3.76 -4.52
N GLY A 45 -10.20 -2.85 -4.13
CA GLY A 45 -9.97 -1.96 -3.01
C GLY A 45 -8.86 -0.96 -3.28
N ILE A 46 -8.17 -0.59 -2.22
CA ILE A 46 -7.13 0.45 -2.28
C ILE A 46 -6.01 0.10 -3.25
N GLY A 47 -5.51 -1.12 -3.18
CA GLY A 47 -4.42 -1.57 -4.08
C GLY A 47 -4.77 -1.45 -5.54
N PHE A 48 -5.98 -1.87 -5.89
CA PHE A 48 -6.49 -1.78 -7.26
C PHE A 48 -6.54 -0.33 -7.74
N ALA A 49 -7.07 0.56 -6.89
CA ALA A 49 -7.11 1.99 -7.20
C ALA A 49 -5.70 2.57 -7.43
N ILE A 50 -4.75 2.17 -6.60
CA ILE A 50 -3.37 2.67 -6.74
C ILE A 50 -2.76 2.14 -8.04
N ALA A 51 -2.93 0.85 -8.29
CA ALA A 51 -2.41 0.23 -9.52
C ALA A 51 -3.03 0.87 -10.75
N SER A 52 -4.33 1.16 -10.70
CA SER A 52 -5.04 1.82 -11.80
C SER A 52 -4.47 3.21 -12.09
N ALA A 53 -4.20 3.99 -11.04
CA ALA A 53 -3.54 5.28 -11.20
C ALA A 53 -2.14 5.17 -11.79
N TYR A 54 -1.39 4.18 -11.31
CA TYR A 54 -0.07 3.88 -11.86
C TYR A 54 -0.09 3.63 -13.39
N ALA A 55 -0.99 2.76 -13.85
CA ALA A 55 -1.22 2.51 -15.28
C ALA A 55 -1.55 3.79 -16.04
N LYS A 56 -2.48 4.57 -15.49
CA LYS A 56 -2.82 5.86 -16.07
C LYS A 56 -1.64 6.85 -16.10
N ALA A 57 -0.69 6.71 -15.16
CA ALA A 57 0.55 7.49 -15.16
C ALA A 57 1.65 6.91 -16.09
N GLY A 58 1.35 5.81 -16.77
CA GLY A 58 2.27 5.23 -17.75
C GLY A 58 2.89 3.90 -17.38
N ALA A 59 2.65 3.41 -16.17
CA ALA A 59 3.29 2.19 -15.69
C ALA A 59 2.69 0.91 -16.27
N THR A 60 3.52 -0.12 -16.34
CA THR A 60 3.06 -1.49 -16.56
C THR A 60 2.76 -2.09 -15.20
N ILE A 61 1.58 -2.70 -15.06
CA ILE A 61 1.07 -3.18 -13.79
C ILE A 61 1.18 -4.70 -13.66
N VAL A 62 1.84 -5.11 -12.59
CA VAL A 62 1.80 -6.50 -12.15
C VAL A 62 1.23 -6.54 -10.72
N PHE A 63 0.50 -7.62 -10.41
CA PHE A 63 -0.09 -7.79 -9.10
C PHE A 63 -0.24 -9.26 -8.76
N ASN A 64 -0.34 -9.53 -7.46
CA ASN A 64 -0.58 -10.89 -6.98
C ASN A 64 -1.77 -10.94 -6.05
N ASP A 65 -2.32 -12.15 -5.89
CA ASP A 65 -3.22 -12.40 -4.79
C ASP A 65 -3.24 -13.89 -4.45
N ILE A 66 -3.90 -14.25 -3.36
CA ILE A 66 -3.78 -15.58 -2.73
C ILE A 66 -4.39 -16.73 -3.52
N ASN A 67 -5.37 -16.44 -4.38
CA ASN A 67 -6.03 -17.50 -5.17
C ASN A 67 -6.39 -17.00 -6.56
N GLN A 68 -6.71 -17.94 -7.47
CA GLN A 68 -7.04 -17.62 -8.87
C GLN A 68 -8.30 -16.77 -8.99
N GLU A 69 -9.26 -17.00 -8.10
CA GLU A 69 -10.52 -16.28 -8.11
C GLU A 69 -10.28 -14.78 -7.95
N LEU A 70 -9.43 -14.42 -6.99
CA LEU A 70 -9.07 -13.01 -6.78
C LEU A 70 -8.27 -12.44 -7.93
N VAL A 71 -7.34 -13.24 -8.46
CA VAL A 71 -6.55 -12.81 -9.60
C VAL A 71 -7.45 -12.57 -10.83
N ASP A 72 -8.39 -13.49 -11.07
CA ASP A 72 -9.33 -13.34 -12.19
C ASP A 72 -10.18 -12.09 -12.03
N ARG A 73 -10.66 -11.86 -10.81
CA ARG A 73 -11.37 -10.62 -10.47
C ARG A 73 -10.53 -9.38 -10.83
N GLY A 74 -9.28 -9.33 -10.36
CA GLY A 74 -8.43 -8.15 -10.64
C GLY A 74 -8.21 -7.99 -12.14
N MET A 75 -7.87 -9.09 -12.81
CA MET A 75 -7.63 -9.08 -14.26
C MET A 75 -8.79 -8.51 -15.08
N ALA A 76 -10.01 -8.97 -14.79
CA ALA A 76 -11.24 -8.49 -15.43
C ALA A 76 -11.46 -7.00 -15.15
N ALA A 77 -11.24 -6.59 -13.90
CA ALA A 77 -11.39 -5.18 -13.55
C ALA A 77 -10.33 -4.28 -14.21
N TYR A 78 -9.06 -4.71 -14.23
CA TYR A 78 -8.05 -3.96 -15.02
C TYR A 78 -8.43 -3.84 -16.51
N LYS A 79 -8.83 -4.97 -17.11
CA LYS A 79 -9.27 -4.99 -18.51
C LYS A 79 -10.39 -3.99 -18.79
N ALA A 80 -11.41 -3.98 -17.92
CA ALA A 80 -12.54 -3.05 -18.05
C ALA A 80 -12.09 -1.59 -18.00
N ALA A 81 -11.00 -1.34 -17.28
CA ALA A 81 -10.45 0.03 -17.19
C ALA A 81 -9.40 0.32 -18.30
N GLY A 82 -9.27 -0.56 -19.27
CA GLY A 82 -8.30 -0.39 -20.37
C GLY A 82 -6.84 -0.67 -20.02
N ILE A 83 -6.64 -1.53 -19.02
CA ILE A 83 -5.30 -1.83 -18.52
C ILE A 83 -5.01 -3.30 -18.74
N ASN A 84 -3.88 -3.58 -19.40
CA ASN A 84 -3.41 -4.96 -19.48
C ASN A 84 -2.45 -5.29 -18.35
N ALA A 85 -3.03 -5.68 -17.22
CA ALA A 85 -2.26 -6.02 -16.04
C ALA A 85 -1.75 -7.44 -16.17
N HIS A 86 -0.76 -7.79 -15.35
CA HIS A 86 -0.23 -9.12 -15.28
C HIS A 86 -0.47 -9.65 -13.87
N GLY A 87 -1.28 -10.70 -13.76
CA GLY A 87 -1.68 -11.20 -12.43
C GLY A 87 -1.10 -12.56 -12.05
N TYR A 88 -0.68 -12.69 -10.79
CA TYR A 88 0.02 -13.89 -10.30
C TYR A 88 -0.60 -14.41 -9.01
N VAL A 89 -0.72 -15.73 -8.90
CA VAL A 89 -1.21 -16.33 -7.67
C VAL A 89 -0.01 -16.57 -6.77
N CYS A 90 -0.06 -15.94 -5.60
CA CYS A 90 1.04 -16.05 -4.64
C CYS A 90 0.64 -15.50 -3.27
N ASP A 91 1.09 -16.20 -2.24
CA ASP A 91 0.88 -15.82 -0.86
C ASP A 91 2.08 -14.95 -0.49
N VAL A 92 1.83 -13.72 0.00
CA VAL A 92 2.91 -12.78 0.36
C VAL A 92 3.81 -13.26 1.51
N THR A 93 3.30 -14.17 2.33
CA THR A 93 4.08 -14.75 3.46
C THR A 93 4.95 -15.95 3.04
N ASP A 94 4.85 -16.33 1.77
CA ASP A 94 5.61 -17.45 1.24
C ASP A 94 6.85 -16.95 0.48
N GLU A 95 7.99 -16.94 1.17
CA GLU A 95 9.22 -16.37 0.58
C GLU A 95 9.61 -17.09 -0.71
N ASP A 96 9.66 -18.42 -0.67
CA ASP A 96 9.95 -19.21 -1.87
C ASP A 96 8.99 -18.88 -3.00
N GLY A 97 7.71 -18.79 -2.68
CA GLY A 97 6.68 -18.42 -3.65
C GLY A 97 6.93 -17.05 -4.25
N ILE A 98 7.22 -16.06 -3.41
CA ILE A 98 7.44 -14.68 -3.87
C ILE A 98 8.71 -14.57 -4.72
N GLN A 99 9.75 -15.26 -4.27
CA GLN A 99 11.00 -15.30 -5.02
C GLN A 99 10.76 -15.84 -6.43
N ALA A 100 10.07 -16.96 -6.53
CA ALA A 100 9.70 -17.55 -7.82
C ALA A 100 8.85 -16.60 -8.65
N MET A 101 7.91 -15.91 -8.00
CA MET A 101 7.03 -14.94 -8.68
C MET A 101 7.84 -13.80 -9.31
N VAL A 102 8.76 -13.21 -8.54
CA VAL A 102 9.62 -12.13 -9.05
C VAL A 102 10.44 -12.61 -10.26
N ALA A 103 11.01 -13.80 -10.13
CA ALA A 103 11.76 -14.38 -11.23
C ALA A 103 10.88 -14.51 -12.49
N GLN A 104 9.64 -14.98 -12.31
CA GLN A 104 8.67 -15.11 -13.40
C GLN A 104 8.30 -13.75 -14.01
N ILE A 105 8.00 -12.78 -13.14
CA ILE A 105 7.76 -11.41 -13.58
C ILE A 105 8.94 -10.85 -14.39
N GLU A 106 10.16 -11.08 -13.92
CA GLU A 106 11.34 -10.56 -14.64
C GLU A 106 11.54 -11.19 -16.03
N SER A 107 11.23 -12.49 -16.15
CA SER A 107 11.34 -13.16 -17.46
C SER A 107 10.23 -12.76 -18.41
N GLU A 108 9.01 -12.55 -17.89
CA GLU A 108 7.82 -12.32 -18.72
C GLU A 108 7.43 -10.86 -18.95
N VAL A 109 7.81 -9.97 -18.04
CA VAL A 109 7.36 -8.57 -18.07
C VAL A 109 8.59 -7.64 -18.03
N GLY A 110 9.42 -7.84 -17.02
CA GLY A 110 10.66 -7.06 -16.87
C GLY A 110 10.96 -6.81 -15.41
N ILE A 111 11.94 -5.96 -15.18
CA ILE A 111 12.38 -5.62 -13.82
C ILE A 111 11.33 -4.75 -13.10
N ILE A 112 11.00 -5.14 -11.89
CA ILE A 112 10.13 -4.35 -11.01
C ILE A 112 10.86 -3.06 -10.55
N ASP A 113 10.37 -1.92 -11.02
CA ASP A 113 10.92 -0.62 -10.64
C ASP A 113 10.30 -0.10 -9.34
N ILE A 114 9.07 -0.50 -9.09
CA ILE A 114 8.22 0.07 -8.03
C ILE A 114 7.51 -1.10 -7.37
N LEU A 115 7.67 -1.21 -6.05
CA LEU A 115 6.89 -2.14 -5.26
C LEU A 115 5.96 -1.37 -4.32
N VAL A 116 4.68 -1.71 -4.33
CA VAL A 116 3.74 -1.21 -3.33
C VAL A 116 3.30 -2.40 -2.47
N ASN A 117 3.68 -2.38 -1.19
CA ASN A 117 3.23 -3.38 -0.22
C ASN A 117 1.86 -3.01 0.30
N ASN A 118 0.84 -3.55 -0.40
CA ASN A 118 -0.55 -3.21 -0.13
C ASN A 118 -1.29 -4.35 0.56
N ALA A 119 -0.91 -5.60 0.25
CA ALA A 119 -1.57 -6.78 0.81
C ALA A 119 -1.57 -6.70 2.33
N GLY A 120 -2.69 -7.04 2.94
CA GLY A 120 -2.77 -7.08 4.38
C GLY A 120 -4.13 -7.55 4.83
N ILE A 121 -4.23 -7.83 6.12
CA ILE A 121 -5.48 -8.19 6.74
C ILE A 121 -5.67 -7.36 8.00
N ILE A 122 -6.90 -7.34 8.50
CA ILE A 122 -7.19 -6.70 9.75
C ILE A 122 -8.09 -7.66 10.51
N ARG A 123 -7.93 -7.66 11.83
CA ARG A 123 -8.80 -8.41 12.72
C ARG A 123 -9.17 -7.46 13.83
N ARG A 124 -10.38 -7.63 14.36
CA ARG A 124 -10.89 -6.82 15.44
C ARG A 124 -11.32 -7.73 16.59
N VAL A 125 -10.40 -7.88 17.55
CA VAL A 125 -10.57 -8.77 18.69
C VAL A 125 -10.02 -8.04 19.92
N PRO A 126 -10.76 -8.00 21.05
CA PRO A 126 -10.13 -7.44 22.28
C PRO A 126 -8.79 -8.16 22.52
N MET A 127 -7.75 -7.41 22.91
CA MET A 127 -6.41 -8.00 22.95
C MET A 127 -6.30 -9.26 23.82
N ILE A 128 -6.78 -9.19 25.06
CA ILE A 128 -6.72 -10.32 25.98
C ILE A 128 -7.55 -11.50 25.48
N GLU A 129 -8.50 -11.26 24.57
CA GLU A 129 -9.27 -12.35 23.98
C GLU A 129 -8.60 -12.93 22.73
N MET A 130 -7.61 -12.23 22.16
CA MET A 130 -7.03 -12.68 20.89
C MET A 130 -6.04 -13.82 21.13
N THR A 131 -6.11 -14.86 20.30
CA THR A 131 -5.17 -15.98 20.43
C THR A 131 -3.77 -15.55 19.98
N ALA A 132 -2.75 -16.17 20.55
CA ALA A 132 -1.38 -15.94 20.09
C ALA A 132 -1.28 -16.24 18.58
N ALA A 133 -1.96 -17.30 18.10
CA ALA A 133 -1.92 -17.65 16.67
C ALA A 133 -2.52 -16.56 15.79
N GLN A 134 -3.63 -15.97 16.23
CA GLN A 134 -4.31 -14.92 15.47
C GLN A 134 -3.42 -13.66 15.40
N PHE A 135 -2.86 -13.28 16.55
CA PHE A 135 -1.97 -12.11 16.62
C PHE A 135 -0.81 -12.29 15.67
N ARG A 136 -0.13 -13.43 15.79
CA ARG A 136 0.98 -13.82 14.92
C ARG A 136 0.65 -13.81 13.42
N GLN A 137 -0.55 -14.28 13.06
CA GLN A 137 -0.96 -14.25 11.65
C GLN A 137 -1.07 -12.84 11.11
N VAL A 138 -1.66 -11.93 11.89
CA VAL A 138 -1.76 -10.51 11.47
C VAL A 138 -0.35 -9.89 11.30
N ILE A 139 0.54 -10.19 12.26
CA ILE A 139 1.94 -9.72 12.18
C ILE A 139 2.63 -10.30 10.93
N ASP A 140 2.41 -11.59 10.64
CA ASP A 140 3.10 -12.27 9.56
C ASP A 140 2.74 -11.64 8.21
N ILE A 141 1.43 -11.43 8.01
CA ILE A 141 0.93 -10.87 6.77
C ILE A 141 1.22 -9.39 6.60
N ASP A 142 1.03 -8.60 7.67
CA ASP A 142 1.09 -7.14 7.57
C ASP A 142 2.50 -6.56 7.80
N LEU A 143 3.40 -7.35 8.38
CA LEU A 143 4.76 -6.87 8.69
C LEU A 143 5.87 -7.75 8.08
N ASN A 144 5.84 -9.05 8.39
CA ASN A 144 6.88 -9.96 7.87
C ASN A 144 6.83 -10.07 6.35
N ALA A 145 5.62 -10.09 5.80
CA ALA A 145 5.46 -10.21 4.36
C ALA A 145 6.00 -9.00 3.59
N PRO A 146 5.66 -7.75 4.01
CA PRO A 146 6.37 -6.64 3.36
C PRO A 146 7.88 -6.73 3.40
N PHE A 147 8.46 -7.26 4.47
CA PHE A 147 9.90 -7.53 4.48
C PHE A 147 10.26 -8.55 3.39
N ILE A 148 9.50 -9.64 3.28
CA ILE A 148 9.82 -10.70 2.30
C ILE A 148 9.79 -10.15 0.87
N VAL A 149 8.73 -9.43 0.53
CA VAL A 149 8.57 -8.90 -0.84
C VAL A 149 9.62 -7.83 -1.15
N SER A 150 9.87 -6.93 -0.20
CA SER A 150 10.93 -5.93 -0.34
C SER A 150 12.28 -6.60 -0.62
N LYS A 151 12.65 -7.57 0.21
CA LYS A 151 13.87 -8.33 0.04
C LYS A 151 13.99 -8.94 -1.37
N ALA A 152 12.87 -9.45 -1.88
CA ALA A 152 12.83 -10.11 -3.18
C ALA A 152 13.01 -9.15 -4.36
N VAL A 153 12.56 -7.89 -4.21
CA VAL A 153 12.68 -6.90 -5.31
C VAL A 153 13.91 -5.99 -5.27
N ILE A 154 14.51 -5.83 -4.09
CA ILE A 154 15.57 -4.83 -3.92
C ILE A 154 16.85 -5.10 -4.77
N PRO A 155 17.32 -6.36 -4.83
CA PRO A 155 18.54 -6.66 -5.61
C PRO A 155 18.45 -6.23 -7.06
N SER A 156 17.34 -6.54 -7.74
CA SER A 156 17.18 -6.02 -9.10
C SER A 156 17.00 -4.51 -9.21
N MET A 157 16.37 -3.87 -8.21
CA MET A 157 16.28 -2.41 -8.20
C MET A 157 17.68 -1.76 -8.13
N ILE A 158 18.52 -2.29 -7.26
CA ILE A 158 19.89 -1.81 -7.14
C ILE A 158 20.61 -1.91 -8.49
N LYS A 159 20.47 -3.06 -9.15
CA LYS A 159 21.11 -3.28 -10.45
C LYS A 159 20.55 -2.40 -11.58
N LYS A 160 19.25 -2.07 -11.47
CA LYS A 160 18.56 -1.15 -12.38
C LYS A 160 19.00 0.30 -12.17
N GLY A 161 19.56 0.60 -11.00
CA GLY A 161 20.03 1.96 -10.68
C GLY A 161 19.00 2.90 -10.01
N HIS A 162 17.83 2.35 -9.65
CA HIS A 162 16.70 3.13 -9.06
C HIS A 162 15.61 2.15 -8.64
N GLY A 163 15.04 2.35 -7.46
CA GLY A 163 13.89 1.59 -7.04
C GLY A 163 13.03 2.44 -6.13
N LYS A 164 11.75 2.07 -6.07
CA LYS A 164 10.79 2.69 -5.16
C LYS A 164 10.08 1.56 -4.41
N ILE A 165 9.96 1.69 -3.09
CA ILE A 165 9.09 0.82 -2.32
C ILE A 165 8.11 1.68 -1.52
N ILE A 166 6.81 1.46 -1.75
CA ILE A 166 5.77 2.20 -1.05
C ILE A 166 5.00 1.26 -0.14
N ASN A 167 5.09 1.50 1.17
CA ASN A 167 4.40 0.66 2.14
C ASN A 167 3.08 1.29 2.57
N ILE A 168 1.98 0.56 2.39
CA ILE A 168 0.68 1.07 2.83
C ILE A 168 0.58 0.89 4.35
N CYS A 169 0.67 2.01 5.04
CA CYS A 169 0.61 2.03 6.49
C CYS A 169 -0.85 2.27 6.89
N SER A 170 -1.06 3.10 7.91
CA SER A 170 -2.40 3.35 8.43
C SER A 170 -2.34 4.50 9.41
N MET A 171 -3.50 5.00 9.83
CA MET A 171 -3.46 5.88 11.00
C MET A 171 -3.05 5.10 12.25
N MET A 172 -3.25 3.79 12.21
CA MET A 172 -2.79 2.86 13.25
C MET A 172 -1.26 2.65 13.29
N SER A 173 -0.55 3.27 12.33
CA SER A 173 0.92 3.40 12.44
C SER A 173 1.26 4.48 13.46
N GLU A 174 0.25 5.25 13.89
CA GLU A 174 0.42 6.39 14.80
C GLU A 174 -0.43 6.32 16.08
N LEU A 175 -1.66 5.85 15.93
CA LEU A 175 -2.68 5.89 17.00
C LEU A 175 -3.28 4.50 17.23
N GLY A 176 -3.50 4.15 18.51
CA GLY A 176 -4.12 2.88 18.87
C GLY A 176 -5.65 2.95 18.99
N ARG A 177 -6.28 1.78 19.13
CA ARG A 177 -7.74 1.66 19.26
C ARG A 177 -8.09 0.27 19.82
N GLU A 178 -9.13 0.22 20.65
CA GLU A 178 -9.63 -1.05 21.15
C GLU A 178 -9.89 -1.98 19.95
N THR A 179 -9.61 -3.26 20.18
CA THR A 179 -9.85 -4.35 19.25
C THR A 179 -8.80 -4.51 18.13
N VAL A 180 -7.98 -3.49 17.87
CA VAL A 180 -6.99 -3.59 16.76
C VAL A 180 -5.50 -3.68 17.16
N SER A 181 -5.22 -4.26 18.31
CA SER A 181 -3.85 -4.36 18.82
C SER A 181 -2.85 -4.95 17.81
N ALA A 182 -3.16 -6.11 17.23
CA ALA A 182 -2.26 -6.77 16.27
C ALA A 182 -2.03 -5.93 15.03
N TYR A 183 -3.11 -5.36 14.52
CA TYR A 183 -3.03 -4.54 13.32
C TYR A 183 -2.14 -3.32 13.58
N ALA A 184 -2.40 -2.63 14.70
CA ALA A 184 -1.62 -1.44 15.08
C ALA A 184 -0.14 -1.76 15.27
N ALA A 185 0.11 -2.89 15.93
CA ALA A 185 1.49 -3.34 16.12
C ALA A 185 2.19 -3.59 14.78
N ALA A 186 1.54 -4.33 13.89
CA ALA A 186 2.11 -4.60 12.58
C ALA A 186 2.34 -3.32 11.75
N LYS A 187 1.40 -2.38 11.77
CA LYS A 187 1.53 -1.14 10.98
C LYS A 187 2.57 -0.18 11.56
N GLY A 188 2.71 -0.22 12.88
CA GLY A 188 3.75 0.53 13.58
C GLY A 188 5.10 -0.04 13.16
N GLY A 189 5.20 -1.36 13.14
CA GLY A 189 6.40 -2.05 12.63
C GLY A 189 6.70 -1.70 11.18
N LEU A 190 5.66 -1.63 10.35
CA LEU A 190 5.82 -1.34 8.94
C LEU A 190 6.31 0.09 8.72
N LYS A 191 5.84 1.02 9.55
CA LYS A 191 6.37 2.37 9.54
C LYS A 191 7.88 2.37 9.76
N MET A 192 8.35 1.65 10.78
CA MET A 192 9.78 1.60 11.08
C MET A 192 10.57 0.78 10.09
N LEU A 193 9.97 -0.30 9.57
CA LEU A 193 10.60 -1.03 8.46
C LEU A 193 10.86 -0.10 7.28
N THR A 194 9.89 0.78 7.00
CA THR A 194 9.98 1.76 5.91
C THR A 194 11.22 2.65 6.11
N LYS A 195 11.37 3.16 7.34
CA LYS A 195 12.46 4.05 7.70
C LYS A 195 13.80 3.32 7.68
N ASN A 196 13.79 2.05 8.10
CA ASN A 196 15.00 1.24 8.00
C ASN A 196 15.50 0.95 6.57
N ILE A 197 14.58 0.56 5.69
CA ILE A 197 14.92 0.29 4.29
C ILE A 197 15.46 1.56 3.63
N ALA A 198 14.82 2.70 3.93
CA ALA A 198 15.28 4.00 3.49
C ALA A 198 16.75 4.25 3.88
N SER A 199 17.06 3.98 5.15
CA SER A 199 18.39 4.18 5.72
C SER A 199 19.40 3.19 5.11
N GLU A 200 18.99 1.92 4.99
CA GLU A 200 19.91 0.86 4.58
C GLU A 200 20.18 0.84 3.07
N TYR A 201 19.18 1.26 2.28
CA TYR A 201 19.27 1.19 0.81
C TYR A 201 19.16 2.53 0.08
N GLY A 202 18.99 3.62 0.82
CA GLY A 202 18.89 4.94 0.19
C GLY A 202 20.13 5.27 -0.63
N GLU A 203 21.28 4.82 -0.14
CA GLU A 203 22.56 5.03 -0.81
C GLU A 203 22.54 4.43 -2.21
N ALA A 204 21.87 3.28 -2.34
CA ALA A 204 21.74 2.58 -3.62
C ALA A 204 20.59 3.13 -4.47
N ASN A 205 20.15 4.36 -4.19
CA ASN A 205 19.05 5.01 -4.90
C ASN A 205 17.73 4.23 -4.83
N ILE A 206 17.43 3.70 -3.64
CA ILE A 206 16.10 3.17 -3.36
C ILE A 206 15.41 4.20 -2.48
N GLN A 207 14.22 4.64 -2.88
CA GLN A 207 13.40 5.47 -1.99
C GLN A 207 12.26 4.61 -1.44
N CYS A 208 12.25 4.43 -0.13
CA CYS A 208 11.21 3.69 0.54
C CYS A 208 10.42 4.63 1.45
N ASN A 209 9.15 4.76 1.13
CA ASN A 209 8.25 5.67 1.81
C ASN A 209 6.96 4.95 2.18
N GLY A 210 6.15 5.62 2.99
CA GLY A 210 4.84 5.14 3.38
C GLY A 210 3.71 6.03 2.87
N ILE A 211 2.55 5.40 2.66
CA ILE A 211 1.29 6.12 2.52
C ILE A 211 0.42 5.73 3.69
N GLY A 212 0.00 6.73 4.46
CA GLY A 212 -0.87 6.51 5.61
C GLY A 212 -2.27 7.06 5.38
N PRO A 213 -3.18 6.21 4.83
CA PRO A 213 -4.52 6.71 4.52
C PRO A 213 -5.26 7.09 5.78
N GLY A 214 -6.15 8.08 5.67
CA GLY A 214 -7.05 8.45 6.77
C GLY A 214 -8.25 7.51 6.82
N TYR A 215 -9.43 8.07 7.05
CA TYR A 215 -10.65 7.25 7.01
C TYR A 215 -11.14 7.17 5.58
N ILE A 216 -10.95 6.03 4.94
CA ILE A 216 -11.32 5.88 3.55
C ILE A 216 -12.60 5.06 3.40
N ALA A 217 -13.54 5.63 2.66
CA ALA A 217 -14.85 5.04 2.48
C ALA A 217 -14.76 3.82 1.55
N THR A 218 -14.91 2.65 2.15
CA THR A 218 -14.89 1.40 1.41
C THR A 218 -16.31 0.81 1.41
N PRO A 219 -16.64 -0.05 0.42
CA PRO A 219 -17.86 -0.87 0.43
C PRO A 219 -18.33 -1.33 1.84
N GLN A 220 -17.38 -1.69 2.70
CA GLN A 220 -17.66 -2.25 4.03
C GLN A 220 -18.21 -1.26 5.06
N THR A 221 -17.92 0.02 4.88
CA THR A 221 -18.34 1.05 5.85
C THR A 221 -19.58 1.81 5.38
N ALA A 222 -20.16 1.35 4.28
CA ALA A 222 -21.32 2.01 3.66
C ALA A 222 -22.56 2.16 4.56
N PRO A 223 -22.92 1.11 5.35
CA PRO A 223 -24.05 1.28 6.29
C PRO A 223 -23.81 2.34 7.37
N LEU A 224 -22.53 2.62 7.67
CA LEU A 224 -22.16 3.69 8.61
C LEU A 224 -22.36 5.10 8.01
N ARG A 225 -22.79 5.14 6.75
CA ARG A 225 -23.08 6.41 6.08
C ARG A 225 -24.57 6.58 5.74
N GLU A 226 -25.40 5.65 6.21
CA GLU A 226 -26.86 5.69 6.03
C GLU A 226 -27.49 6.99 6.56
N LEU A 227 -28.32 7.60 5.73
CA LEU A 227 -28.99 8.87 6.08
C LEU A 227 -29.96 8.71 7.25
N HIS A 234 -25.90 9.26 10.63
CA HIS A 234 -25.33 8.15 11.40
C HIS A 234 -24.25 8.66 12.37
N PRO A 235 -24.27 8.18 13.63
CA PRO A 235 -23.30 8.64 14.65
C PRO A 235 -21.84 8.38 14.29
N PHE A 236 -21.56 7.25 13.65
CA PHE A 236 -20.20 6.94 13.20
C PHE A 236 -19.74 7.87 12.07
N ASP A 237 -20.65 8.15 11.13
CA ASP A 237 -20.44 9.14 10.06
C ASP A 237 -20.13 10.51 10.66
N GLN A 238 -20.94 10.91 11.65
CA GLN A 238 -20.75 12.16 12.41
C GLN A 238 -19.37 12.21 13.08
N PHE A 239 -18.98 11.10 13.70
CA PHE A 239 -17.66 10.91 14.32
C PHE A 239 -16.49 11.21 13.36
N ILE A 240 -16.54 10.61 12.16
CA ILE A 240 -15.48 10.73 11.16
C ILE A 240 -15.37 12.16 10.64
N ILE A 241 -16.51 12.71 10.22
CA ILE A 241 -16.59 14.06 9.67
C ILE A 241 -16.02 15.10 10.66
N ALA A 242 -16.37 14.95 11.94
CA ALA A 242 -15.88 15.82 13.02
C ALA A 242 -14.38 15.71 13.29
N LYS A 243 -13.83 14.51 13.09
CA LYS A 243 -12.39 14.30 13.25
C LYS A 243 -11.57 14.87 12.07
N THR A 244 -12.23 15.04 10.92
CA THR A 244 -11.56 15.38 9.67
C THR A 244 -11.79 16.84 9.30
N PRO A 245 -10.71 17.67 9.34
CA PRO A 245 -10.80 19.04 8.85
C PRO A 245 -11.46 19.12 7.46
N ALA A 246 -11.08 18.25 6.52
CA ALA A 246 -11.71 18.23 5.18
C ALA A 246 -13.22 17.98 5.21
N ALA A 247 -13.72 17.47 6.35
CA ALA A 247 -15.17 17.30 6.62
C ALA A 247 -15.84 16.29 5.69
N ARG A 248 -15.10 15.25 5.32
CA ARG A 248 -15.64 14.15 4.53
C ARG A 248 -14.81 12.89 4.77
N TRP A 249 -15.37 11.74 4.44
CA TRP A 249 -14.56 10.54 4.35
C TRP A 249 -13.59 10.75 3.19
N GLY A 250 -12.43 10.13 3.28
CA GLY A 250 -11.58 9.98 2.09
C GLY A 250 -12.15 8.91 1.18
N GLU A 251 -11.62 8.87 -0.03
CA GLU A 251 -11.97 7.86 -1.03
C GLU A 251 -10.65 7.34 -1.57
N ALA A 252 -10.67 6.11 -2.10
CA ALA A 252 -9.49 5.53 -2.75
C ALA A 252 -8.82 6.48 -3.75
N GLU A 253 -9.63 7.28 -4.44
CA GLU A 253 -9.14 8.25 -5.42
C GLU A 253 -8.19 9.28 -4.82
N ASP A 254 -8.38 9.59 -3.52
CA ASP A 254 -7.55 10.55 -2.80
C ASP A 254 -6.12 10.02 -2.62
N LEU A 255 -5.93 8.70 -2.74
CA LEU A 255 -4.61 8.10 -2.57
C LEU A 255 -3.80 8.04 -3.84
N MET A 256 -4.46 8.27 -4.97
CA MET A 256 -3.85 8.06 -6.28
C MET A 256 -2.72 9.03 -6.57
N GLY A 257 -2.97 10.34 -6.43
CA GLY A 257 -1.92 11.35 -6.61
C GLY A 257 -0.71 11.17 -5.69
N PRO A 258 -0.93 11.01 -4.36
CA PRO A 258 0.19 10.79 -3.43
C PRO A 258 0.94 9.51 -3.78
N ALA A 259 0.23 8.44 -4.15
CA ALA A 259 0.92 7.21 -4.53
C ALA A 259 1.81 7.34 -5.77
N VAL A 260 1.30 8.03 -6.79
CA VAL A 260 2.03 8.24 -8.05
C VAL A 260 3.25 9.13 -7.75
N PHE A 261 3.04 10.19 -6.97
CA PHE A 261 4.13 11.04 -6.48
C PHE A 261 5.30 10.21 -5.91
N LEU A 262 5.01 9.33 -4.94
CA LEU A 262 6.04 8.54 -4.26
C LEU A 262 6.75 7.51 -5.16
N ALA A 263 6.07 7.10 -6.23
CA ALA A 263 6.59 6.15 -7.20
C ALA A 263 7.41 6.81 -8.32
N SER A 264 7.43 8.14 -8.34
CA SER A 264 7.95 8.91 -9.48
C SER A 264 9.26 9.60 -9.16
N ASP A 265 9.91 10.10 -10.22
CA ASP A 265 11.15 10.87 -10.10
C ASP A 265 10.93 12.16 -9.34
N ALA A 266 9.69 12.63 -9.30
CA ALA A 266 9.36 13.87 -8.59
C ALA A 266 9.54 13.76 -7.06
N SER A 267 9.78 12.55 -6.54
CA SER A 267 9.99 12.35 -5.11
C SER A 267 11.33 11.70 -4.79
N ASN A 268 12.31 11.80 -5.70
CA ASN A 268 13.60 11.12 -5.54
C ASN A 268 14.38 11.48 -4.26
N PHE A 269 14.17 12.68 -3.72
CA PHE A 269 14.83 13.06 -2.46
C PHE A 269 13.88 12.96 -1.22
N VAL A 270 12.73 12.36 -1.45
CA VAL A 270 11.82 11.97 -0.36
C VAL A 270 12.08 10.50 -0.03
N ASN A 271 12.52 10.25 1.20
CA ASN A 271 12.97 8.91 1.59
C ASN A 271 12.77 8.69 3.08
N GLY A 272 12.24 7.51 3.43
CA GLY A 272 11.93 7.12 4.81
C GLY A 272 10.82 7.97 5.42
N HIS A 273 9.94 8.46 4.56
CA HIS A 273 8.90 9.39 4.96
C HIS A 273 7.52 8.73 4.90
N ILE A 274 6.71 8.95 5.93
CA ILE A 274 5.31 8.50 5.88
C ILE A 274 4.41 9.65 5.48
N LEU A 275 3.88 9.55 4.28
CA LEU A 275 2.97 10.53 3.71
C LEU A 275 1.51 10.23 4.12
N TYR A 276 1.01 11.02 5.05
CA TYR A 276 -0.35 10.81 5.53
C TYR A 276 -1.31 11.51 4.61
N VAL A 277 -2.35 10.78 4.21
CA VAL A 277 -3.37 11.29 3.30
C VAL A 277 -4.72 11.15 4.01
N ASP A 278 -5.04 12.14 4.83
CA ASP A 278 -6.12 11.98 5.80
C ASP A 278 -7.04 13.19 5.94
N GLY A 279 -6.89 14.16 5.02
CA GLY A 279 -7.74 15.34 5.04
C GLY A 279 -7.47 16.24 6.25
N GLY A 280 -6.39 15.94 6.99
CA GLY A 280 -6.06 16.72 8.19
C GLY A 280 -6.35 16.08 9.54
N ILE A 281 -6.78 14.82 9.56
CA ILE A 281 -7.10 14.14 10.83
C ILE A 281 -5.96 14.16 11.84
N LEU A 282 -4.78 13.68 11.44
CA LEU A 282 -3.64 13.53 12.36
C LEU A 282 -3.11 14.87 12.85
N ALA A 283 -3.55 15.94 12.19
CA ALA A 283 -3.15 17.30 12.54
C ALA A 283 -4.16 18.01 13.44
N TYR A 284 -5.31 17.36 13.67
CA TYR A 284 -6.47 18.02 14.26
C TYR A 284 -6.84 17.43 15.63
N ILE A 285 -7.11 18.32 16.59
CA ILE A 285 -7.58 17.90 17.91
C ILE A 285 -9.04 17.38 17.82
N GLY A 286 -9.77 17.88 16.82
CA GLY A 286 -11.14 17.42 16.57
C GLY A 286 -12.13 18.57 16.73
N LYS A 287 -13.30 18.40 16.11
CA LYS A 287 -14.38 19.38 16.22
C LYS A 287 -15.19 19.14 17.49
N GLN A 288 -14.99 20.01 18.48
CA GLN A 288 -15.67 19.94 19.76
C GLN A 288 -17.06 20.59 19.73
N PRO A 289 -18.02 20.06 20.53
CA PRO A 289 -19.31 20.73 20.63
C PRO A 289 -19.27 21.90 21.63
#